data_7ZKH
#
_entry.id   7ZKH
#
_cell.length_a   64.190
_cell.length_b   95.990
_cell.length_c   40.380
_cell.angle_alpha   90.000
_cell.angle_beta   90.000
_cell.angle_gamma   90.000
#
_symmetry.space_group_name_H-M   'P 21 21 2'
#
loop_
_entity.id
_entity.type
_entity.pdbx_description
1 polymer Methyltransferase
2 non-polymer 'UNKNOWN LIGAND'
3 non-polymer 'TRIETHYLENE GLYCOL'
4 non-polymer S-ADENOSYL-L-HOMOCYSTEINE
5 water water
#
_entity_poly.entity_id   1
_entity_poly.type   'polypeptide(L)'
_entity_poly.pdbx_seq_one_letter_code
;MMQGQPHQDAGMPEPYAATADVYDRLVDYAIAEWGECPRPQMADFVEQAWAARGHRVRRVLELCCGTGLMTEQLVRRGYE
VTAVDRSETMLALAKQRVGGAADFHQIELPAPLPDGADAVVCTAAAFNYQASARSLGETLRAVATVLPAGATFVFDIETA
ALLKGHWGNRVWAADEGDLAFIWDFTSEPDTTYCDVHYTQFTRHEAGADAYTGVREVHRLYAFDHDTVRAQARAAGFAQA
EVFDNYTERPATDTTRYETWVLTRDERSRHHHHHH
;
_entity_poly.pdbx_strand_id   A
#
# COMPACT_ATOMS: atom_id res chain seq x y z
N MET A 2 14.59 -5.28 6.70
CA MET A 2 13.73 -4.22 6.16
C MET A 2 13.71 -3.03 7.13
N GLN A 3 14.22 -1.88 6.68
CA GLN A 3 14.31 -0.70 7.54
C GLN A 3 12.94 -0.28 8.05
N GLY A 4 12.90 0.07 9.33
CA GLY A 4 11.69 0.54 9.97
C GLY A 4 10.80 -0.54 10.55
N GLN A 5 11.19 -1.84 10.43
CA GLN A 5 10.39 -2.92 10.98
C GLN A 5 11.02 -3.44 12.27
N PRO A 6 10.22 -3.92 13.23
CA PRO A 6 10.76 -4.37 14.52
C PRO A 6 11.95 -5.30 14.36
N HIS A 7 13.00 -5.05 15.14
CA HIS A 7 14.07 -6.04 15.23
C HIS A 7 13.51 -7.30 15.88
N GLN A 8 13.75 -8.45 15.25
CA GLN A 8 13.22 -9.72 15.73
C GLN A 8 14.29 -10.80 15.58
N ASP A 9 13.96 -12.01 16.04
CA ASP A 9 14.94 -13.09 16.13
C ASP A 9 15.38 -13.55 14.73
N ALA A 10 16.28 -14.55 14.73
CA ALA A 10 16.71 -15.18 13.49
C ALA A 10 15.60 -16.08 12.95
N GLY A 11 15.62 -16.26 11.63
N GLY A 11 15.45 -16.08 11.62
CA GLY A 11 14.40 -16.62 10.95
CA GLY A 11 14.37 -16.84 11.02
C GLY A 11 13.54 -15.38 10.97
C GLY A 11 12.98 -16.26 11.18
N MET A 12 12.29 -15.54 11.37
N MET A 12 12.86 -14.95 11.50
CA MET A 12 11.39 -14.41 11.57
CA MET A 12 11.53 -14.33 11.54
C MET A 12 11.22 -13.60 10.29
C MET A 12 11.28 -13.62 10.23
N PRO A 13 10.15 -13.87 9.57
CA PRO A 13 9.97 -13.32 8.22
C PRO A 13 9.81 -11.82 8.17
N GLU A 14 10.40 -11.20 7.15
CA GLU A 14 10.05 -9.82 6.81
C GLU A 14 8.60 -9.76 6.32
N PRO A 15 7.98 -8.60 6.35
CA PRO A 15 6.62 -8.49 5.80
C PRO A 15 6.52 -9.11 4.41
N TYR A 16 5.53 -9.98 4.25
CA TYR A 16 5.17 -10.67 3.02
C TYR A 16 6.14 -11.76 2.63
N ALA A 17 7.19 -12.01 3.43
CA ALA A 17 8.11 -13.09 3.10
C ALA A 17 7.48 -14.46 3.31
N ALA A 18 6.59 -14.57 4.29
CA ALA A 18 5.89 -15.83 4.55
C ALA A 18 4.44 -15.84 4.14
N THR A 19 3.85 -14.68 3.86
CA THR A 19 2.41 -14.58 3.61
C THR A 19 2.07 -14.17 2.17
N ALA A 20 3.02 -14.14 1.26
CA ALA A 20 2.69 -13.69 -0.09
C ALA A 20 1.63 -14.57 -0.74
N ASP A 21 1.63 -15.88 -0.48
N ASP A 21 1.66 -15.89 -0.51
CA ASP A 21 0.69 -16.82 -1.09
CA ASP A 21 0.71 -16.76 -1.15
C ASP A 21 -0.70 -16.79 -0.48
C ASP A 21 -0.72 -16.61 -0.63
N VAL A 22 -0.92 -15.98 0.54
CA VAL A 22 -2.27 -15.70 1.01
C VAL A 22 -2.68 -14.26 0.81
N TYR A 23 -1.80 -13.43 0.23
CA TYR A 23 -2.09 -12.00 0.13
C TYR A 23 -3.38 -11.75 -0.66
N ASP A 24 -3.54 -12.37 -1.83
CA ASP A 24 -4.72 -12.06 -2.66
C ASP A 24 -6.00 -12.45 -1.93
N ARG A 25 -5.97 -13.57 -1.20
CA ARG A 25 -7.11 -13.98 -0.42
C ARG A 25 -7.42 -12.98 0.69
N LEU A 26 -6.38 -12.46 1.36
CA LEU A 26 -6.60 -11.48 2.41
C LEU A 26 -7.08 -10.15 1.84
N VAL A 27 -6.67 -9.82 0.61
CA VAL A 27 -7.26 -8.64 -0.06
C VAL A 27 -8.73 -8.86 -0.32
N ASP A 28 -9.12 -10.04 -0.83
CA ASP A 28 -10.55 -10.33 -1.00
C ASP A 28 -11.28 -10.16 0.33
N TYR A 29 -10.68 -10.61 1.43
N TYR A 29 -10.65 -10.59 1.41
CA TYR A 29 -11.28 -10.43 2.76
CA TYR A 29 -11.24 -10.45 2.74
C TYR A 29 -11.37 -8.95 3.13
C TYR A 29 -11.34 -8.98 3.15
N ALA A 30 -10.28 -8.20 2.92
CA ALA A 30 -10.29 -6.78 3.25
C ALA A 30 -11.35 -6.03 2.44
N ILE A 31 -11.51 -6.37 1.16
CA ILE A 31 -12.55 -5.74 0.34
C ILE A 31 -13.92 -6.03 0.93
N ALA A 32 -14.16 -7.28 1.35
CA ALA A 32 -15.48 -7.66 1.85
C ALA A 32 -15.74 -7.14 3.26
N GLU A 33 -14.71 -7.03 4.09
N GLU A 33 -14.72 -7.06 4.10
CA GLU A 33 -14.85 -6.79 5.52
CA GLU A 33 -14.94 -6.81 5.52
C GLU A 33 -14.61 -5.34 5.94
C GLU A 33 -14.48 -5.44 6.01
N TRP A 34 -13.51 -4.73 5.48
N TRP A 34 -13.50 -4.82 5.34
CA TRP A 34 -13.09 -3.41 5.95
CA TRP A 34 -12.91 -3.58 5.82
C TRP A 34 -13.33 -2.30 4.93
C TRP A 34 -13.13 -2.40 4.86
N GLY A 35 -13.76 -2.62 3.72
CA GLY A 35 -13.98 -1.55 2.74
C GLY A 35 -12.77 -1.18 1.89
N GLU A 36 -11.76 -2.04 1.81
CA GLU A 36 -10.66 -1.79 0.89
C GLU A 36 -11.20 -1.73 -0.52
N CYS A 37 -10.62 -0.86 -1.34
CA CYS A 37 -11.16 -0.61 -2.68
C CYS A 37 -10.74 -1.71 -3.64
N PRO A 38 -11.66 -2.33 -4.37
CA PRO A 38 -11.26 -3.26 -5.43
C PRO A 38 -10.37 -2.58 -6.47
N ARG A 39 -9.42 -3.35 -7.01
CA ARG A 39 -8.49 -2.77 -7.99
C ARG A 39 -9.14 -2.19 -9.25
N PRO A 40 -10.21 -2.76 -9.84
CA PRO A 40 -10.79 -2.08 -11.02
C PRO A 40 -11.24 -0.67 -10.72
N GLN A 41 -11.82 -0.44 -9.54
CA GLN A 41 -12.22 0.91 -9.17
C GLN A 41 -11.01 1.81 -8.96
N MET A 42 -9.94 1.29 -8.33
CA MET A 42 -8.72 2.08 -8.20
C MET A 42 -8.23 2.53 -9.57
N ALA A 43 -8.21 1.61 -10.54
CA ALA A 43 -7.76 1.94 -11.87
C ALA A 43 -8.70 2.94 -12.56
N ASP A 44 -10.01 2.79 -12.38
CA ASP A 44 -10.96 3.77 -12.92
C ASP A 44 -10.66 5.17 -12.36
N PHE A 45 -10.39 5.23 -11.05
CA PHE A 45 -10.13 6.52 -10.43
C PHE A 45 -8.87 7.17 -10.99
N VAL A 46 -7.76 6.44 -11.03
CA VAL A 46 -6.55 7.07 -11.56
C VAL A 46 -6.72 7.48 -13.02
N GLU A 47 -7.41 6.67 -13.81
CA GLU A 47 -7.64 7.06 -15.21
C GLU A 47 -8.49 8.32 -15.32
N GLN A 48 -9.51 8.45 -14.48
CA GLN A 48 -10.34 9.65 -14.46
C GLN A 48 -9.51 10.87 -14.09
N ALA A 49 -8.57 10.70 -13.17
CA ALA A 49 -7.70 11.81 -12.77
C ALA A 49 -6.79 12.25 -13.90
N TRP A 50 -6.22 11.29 -14.62
CA TRP A 50 -5.41 11.62 -15.79
C TRP A 50 -6.25 12.31 -16.86
N ALA A 51 -7.43 11.77 -17.17
CA ALA A 51 -8.25 12.39 -18.19
C ALA A 51 -8.66 13.81 -17.79
N ALA A 52 -8.88 14.06 -16.49
CA ALA A 52 -9.35 15.39 -16.10
C ALA A 52 -8.27 16.46 -16.24
N ARG A 53 -7.02 16.06 -16.40
N ARG A 53 -7.02 16.07 -16.41
CA ARG A 53 -5.92 16.98 -16.61
CA ARG A 53 -5.92 17.00 -16.63
C ARG A 53 -5.45 17.03 -18.07
C ARG A 53 -5.45 17.04 -18.07
N GLY A 54 -6.08 16.26 -18.95
CA GLY A 54 -5.65 16.21 -20.33
C GLY A 54 -4.31 15.52 -20.50
N HIS A 55 -4.02 14.52 -19.67
CA HIS A 55 -2.76 13.82 -19.71
C HIS A 55 -2.89 12.62 -20.65
N ARG A 56 -2.07 12.61 -21.70
CA ARG A 56 -2.01 11.47 -22.59
C ARG A 56 -1.04 10.44 -22.00
N VAL A 57 -1.46 9.85 -20.87
CA VAL A 57 -0.61 8.90 -20.14
C VAL A 57 -0.42 7.64 -20.97
N ARG A 58 0.84 7.27 -21.23
CA ARG A 58 1.16 5.99 -21.86
C ARG A 58 2.02 5.10 -20.98
N ARG A 59 3.02 5.67 -20.32
N ARG A 59 3.00 5.67 -20.30
CA ARG A 59 3.93 4.91 -19.47
CA ARG A 59 3.93 4.91 -19.47
C ARG A 59 3.56 5.18 -18.02
C ARG A 59 3.59 5.18 -18.01
N VAL A 60 3.35 4.12 -17.25
CA VAL A 60 2.98 4.22 -15.85
C VAL A 60 4.01 3.46 -15.03
N LEU A 61 4.50 4.09 -13.98
CA LEU A 61 5.37 3.45 -13.00
C LEU A 61 4.53 3.14 -11.77
N GLU A 62 4.53 1.89 -11.38
CA GLU A 62 3.81 1.44 -10.21
C GLU A 62 4.79 1.10 -9.09
N LEU A 63 4.66 1.75 -7.95
CA LEU A 63 5.50 1.44 -6.80
C LEU A 63 4.81 0.42 -5.92
N CYS A 64 5.61 -0.46 -5.34
CA CYS A 64 5.13 -1.42 -4.34
C CYS A 64 4.00 -2.27 -4.92
N CYS A 65 4.30 -2.90 -6.08
CA CYS A 65 3.27 -3.59 -6.84
C CYS A 65 2.76 -4.86 -6.18
N GLY A 66 3.45 -5.39 -5.16
CA GLY A 66 2.94 -6.59 -4.53
C GLY A 66 2.82 -7.74 -5.50
N THR A 67 1.68 -8.44 -5.41
CA THR A 67 1.40 -9.57 -6.28
C THR A 67 0.83 -9.13 -7.64
N GLY A 68 0.79 -7.82 -7.92
CA GLY A 68 0.39 -7.40 -9.25
C GLY A 68 -1.08 -7.18 -9.46
N LEU A 69 -1.89 -7.06 -8.39
CA LEU A 69 -3.32 -6.87 -8.59
C LEU A 69 -3.63 -5.56 -9.31
N MET A 70 -2.96 -4.48 -8.93
CA MET A 70 -3.15 -3.23 -9.67
C MET A 70 -2.39 -3.26 -10.99
N THR A 71 -1.20 -3.88 -11.00
CA THR A 71 -0.43 -4.00 -12.24
C THR A 71 -1.27 -4.60 -13.37
N GLU A 72 -2.02 -5.66 -13.06
CA GLU A 72 -2.82 -6.31 -14.10
C GLU A 72 -3.91 -5.39 -14.64
N GLN A 73 -4.51 -4.55 -13.79
CA GLN A 73 -5.48 -3.58 -14.31
C GLN A 73 -4.83 -2.64 -15.30
N LEU A 74 -3.63 -2.15 -14.96
CA LEU A 74 -2.96 -1.18 -15.84
C LEU A 74 -2.53 -1.82 -17.14
N VAL A 75 -2.01 -3.04 -17.06
CA VAL A 75 -1.60 -3.73 -18.28
C VAL A 75 -2.79 -3.97 -19.21
N ARG A 76 -3.91 -4.46 -18.65
N ARG A 76 -3.91 -4.44 -18.64
CA ARG A 76 -5.08 -4.74 -19.47
CA ARG A 76 -5.09 -4.76 -19.46
C ARG A 76 -5.56 -3.49 -20.19
C ARG A 76 -5.71 -3.52 -20.08
N ARG A 77 -5.46 -2.34 -19.53
CA ARG A 77 -5.95 -1.09 -20.09
C ARG A 77 -5.02 -0.50 -21.12
N GLY A 78 -3.90 -1.14 -21.40
CA GLY A 78 -3.05 -0.79 -22.51
C GLY A 78 -1.87 0.08 -22.17
N TYR A 79 -1.61 0.33 -20.88
CA TYR A 79 -0.48 1.14 -20.48
C TYR A 79 0.81 0.33 -20.57
N GLU A 80 1.92 1.05 -20.75
N GLU A 80 1.91 1.04 -20.80
CA GLU A 80 3.24 0.47 -20.70
CA GLU A 80 3.24 0.45 -20.70
C GLU A 80 3.71 0.59 -19.25
C GLU A 80 3.67 0.59 -19.25
N VAL A 81 3.73 -0.53 -18.54
CA VAL A 81 3.83 -0.55 -17.08
C VAL A 81 5.22 -0.99 -16.64
N THR A 82 5.82 -0.21 -15.76
CA THR A 82 7.00 -0.61 -15.00
C THR A 82 6.56 -0.72 -13.54
N ALA A 83 6.91 -1.80 -12.88
CA ALA A 83 6.38 -2.08 -11.55
C ALA A 83 7.51 -2.54 -10.65
N VAL A 84 7.56 -2.02 -9.43
CA VAL A 84 8.69 -2.30 -8.56
C VAL A 84 8.21 -2.69 -7.17
N ASP A 85 8.99 -3.50 -6.47
CA ASP A 85 8.65 -3.92 -5.10
C ASP A 85 9.92 -4.41 -4.45
N ARG A 86 9.97 -4.35 -3.11
CA ARG A 86 11.15 -4.85 -2.40
C ARG A 86 11.13 -6.38 -2.23
N SER A 87 9.97 -7.02 -2.38
CA SER A 87 9.74 -8.40 -1.96
C SER A 87 9.88 -9.39 -3.11
N GLU A 88 10.85 -10.31 -3.01
CA GLU A 88 10.98 -11.31 -4.06
C GLU A 88 9.79 -12.26 -4.08
N THR A 89 9.20 -12.58 -2.93
CA THR A 89 8.04 -13.46 -2.93
C THR A 89 6.83 -12.79 -3.57
N MET A 90 6.60 -11.51 -3.26
CA MET A 90 5.49 -10.81 -3.90
C MET A 90 5.73 -10.68 -5.40
N LEU A 91 6.94 -10.32 -5.81
CA LEU A 91 7.24 -10.13 -7.22
C LEU A 91 7.08 -11.42 -8.02
N ALA A 92 7.43 -12.57 -7.41
CA ALA A 92 7.26 -13.84 -8.13
C ALA A 92 5.78 -14.08 -8.47
N LEU A 93 4.90 -13.70 -7.56
CA LEU A 93 3.47 -13.80 -7.83
C LEU A 93 3.01 -12.77 -8.86
N ALA A 94 3.58 -11.56 -8.82
CA ALA A 94 3.24 -10.58 -9.84
C ALA A 94 3.65 -11.05 -11.23
N LYS A 95 4.84 -11.66 -11.32
CA LYS A 95 5.28 -12.21 -12.61
C LYS A 95 4.39 -13.38 -13.07
N GLN A 96 3.96 -14.23 -12.15
CA GLN A 96 3.00 -15.27 -12.51
C GLN A 96 1.72 -14.67 -13.10
N ARG A 97 1.23 -13.60 -12.50
CA ARG A 97 -0.02 -12.99 -12.95
C ARG A 97 0.13 -12.30 -14.31
N VAL A 98 1.19 -11.52 -14.48
CA VAL A 98 1.35 -10.59 -15.58
C VAL A 98 2.35 -11.06 -16.64
N GLY A 99 3.28 -11.95 -16.28
CA GLY A 99 4.27 -12.40 -17.22
C GLY A 99 5.15 -11.27 -17.70
N GLY A 100 5.45 -11.28 -18.99
CA GLY A 100 6.33 -10.27 -19.55
C GLY A 100 5.64 -9.00 -19.97
N ALA A 101 4.35 -8.83 -19.65
CA ALA A 101 3.58 -7.69 -20.10
C ALA A 101 3.89 -6.42 -19.29
N ALA A 102 4.67 -6.54 -18.22
CA ALA A 102 5.15 -5.40 -17.46
C ALA A 102 6.63 -5.62 -17.19
N ASP A 103 7.35 -4.54 -16.88
CA ASP A 103 8.77 -4.60 -16.58
C ASP A 103 8.94 -4.51 -15.07
N PHE A 104 9.37 -5.60 -14.43
CA PHE A 104 9.47 -5.66 -12.97
C PHE A 104 10.90 -5.40 -12.49
N HIS A 105 11.02 -4.67 -11.37
CA HIS A 105 12.28 -4.39 -10.72
C HIS A 105 12.14 -4.65 -9.23
N GLN A 106 13.15 -5.25 -8.63
CA GLN A 106 13.20 -5.37 -7.18
C GLN A 106 13.95 -4.16 -6.65
N ILE A 107 13.23 -3.27 -5.98
CA ILE A 107 13.78 -2.02 -5.46
C ILE A 107 13.14 -1.77 -4.11
N GLU A 108 13.96 -1.38 -3.12
N GLU A 108 13.96 -1.41 -3.12
CA GLU A 108 13.46 -1.00 -1.81
CA GLU A 108 13.46 -0.98 -1.81
C GLU A 108 13.49 0.53 -1.68
C GLU A 108 13.50 0.54 -1.74
N LEU A 109 12.31 1.15 -1.61
CA LEU A 109 12.21 2.60 -1.51
C LEU A 109 12.52 3.07 -0.10
N PRO A 110 13.14 4.24 0.06
CA PRO A 110 13.54 5.14 -1.03
C PRO A 110 14.81 4.68 -1.74
N ALA A 111 14.77 4.80 -3.06
CA ALA A 111 15.90 4.52 -3.95
C ALA A 111 15.58 5.11 -5.30
N PRO A 112 16.59 5.29 -6.14
CA PRO A 112 16.32 5.79 -7.51
C PRO A 112 15.37 4.89 -8.28
N LEU A 113 14.45 5.50 -9.00
CA LEU A 113 13.40 4.82 -9.75
C LEU A 113 13.69 4.82 -11.26
N PRO A 114 13.15 3.84 -11.99
CA PRO A 114 13.31 3.81 -13.46
C PRO A 114 12.69 5.06 -14.08
N ASP A 115 13.41 5.67 -15.01
CA ASP A 115 12.98 6.93 -15.59
C ASP A 115 11.94 6.68 -16.69
N GLY A 116 11.26 7.75 -17.10
N GLY A 116 11.18 7.73 -17.01
CA GLY A 116 10.35 7.65 -18.22
CA GLY A 116 10.37 7.78 -18.24
C GLY A 116 8.98 7.19 -17.78
C GLY A 116 8.86 7.73 -18.06
N ALA A 117 8.28 8.06 -17.05
N ALA A 117 8.36 7.70 -16.83
CA ALA A 117 6.98 7.75 -16.50
CA ALA A 117 6.92 7.57 -16.66
C ALA A 117 6.09 8.96 -16.74
C ALA A 117 6.20 8.87 -17.01
N ASP A 118 4.91 8.72 -17.34
CA ASP A 118 3.96 9.83 -17.45
C ASP A 118 3.11 10.00 -16.20
N ALA A 119 3.06 9.00 -15.33
CA ALA A 119 2.26 9.00 -14.12
C ALA A 119 2.83 7.89 -13.22
N VAL A 120 2.66 8.08 -11.91
CA VAL A 120 3.10 7.09 -10.93
C VAL A 120 1.92 6.75 -10.02
N VAL A 121 1.81 5.49 -9.64
CA VAL A 121 0.77 5.07 -8.70
C VAL A 121 1.37 4.15 -7.65
N CYS A 122 0.77 4.14 -6.46
CA CYS A 122 1.18 3.25 -5.39
C CYS A 122 -0.05 2.91 -4.55
N THR A 123 -0.56 1.69 -4.69
CA THR A 123 -1.89 1.36 -4.16
C THR A 123 -1.82 0.43 -2.94
N ALA A 124 -2.90 0.47 -2.17
CA ALA A 124 -3.17 -0.48 -1.09
C ALA A 124 -2.22 -0.30 0.08
N ALA A 125 -1.99 0.96 0.47
CA ALA A 125 -1.42 1.29 1.77
C ALA A 125 0.06 0.90 1.88
N ALA A 126 0.71 0.72 0.74
CA ALA A 126 2.13 0.41 0.78
C ALA A 126 2.94 1.52 1.46
N PHE A 127 2.53 2.79 1.31
CA PHE A 127 3.29 3.86 1.91
C PHE A 127 3.23 3.87 3.43
N ASN A 128 2.32 3.12 4.05
CA ASN A 128 2.35 3.01 5.51
C ASN A 128 3.57 2.22 6.00
N TYR A 129 4.33 1.59 5.10
CA TYR A 129 5.59 0.96 5.49
C TYR A 129 6.77 1.91 5.43
N GLN A 130 6.57 3.14 5.03
CA GLN A 130 7.66 4.10 5.03
C GLN A 130 8.05 4.39 6.49
N ALA A 131 9.35 4.29 6.80
CA ALA A 131 9.82 4.19 8.17
C ALA A 131 9.77 5.49 8.97
N SER A 132 9.63 6.63 8.31
CA SER A 132 9.70 7.94 8.97
C SER A 132 9.19 8.95 7.96
N ALA A 133 8.81 10.14 8.46
CA ALA A 133 8.54 11.24 7.55
C ALA A 133 9.74 11.52 6.65
N ARG A 134 10.97 11.41 7.19
CA ARG A 134 12.18 11.59 6.38
C ARG A 134 12.23 10.60 5.21
N SER A 135 11.98 9.32 5.49
N SER A 135 12.01 9.32 5.48
CA SER A 135 11.99 8.31 4.45
CA SER A 135 12.02 8.34 4.40
C SER A 135 10.88 8.53 3.43
C SER A 135 10.90 8.61 3.40
N LEU A 136 9.71 8.95 3.90
CA LEU A 136 8.61 9.29 3.00
C LEU A 136 9.02 10.41 2.05
N GLY A 137 9.62 11.49 2.60
CA GLY A 137 10.09 12.57 1.75
C GLY A 137 11.13 12.12 0.74
N GLU A 138 12.04 11.24 1.15
CA GLU A 138 13.06 10.76 0.20
C GLU A 138 12.43 9.95 -0.92
N THR A 139 11.42 9.15 -0.59
CA THR A 139 10.67 8.41 -1.61
C THR A 139 9.92 9.36 -2.53
N LEU A 140 9.27 10.38 -1.98
CA LEU A 140 8.62 11.39 -2.85
C LEU A 140 9.60 12.11 -3.75
N ARG A 141 10.82 12.36 -3.28
CA ARG A 141 11.82 12.98 -4.14
C ARG A 141 12.18 12.06 -5.30
N ALA A 142 12.32 10.76 -5.03
CA ALA A 142 12.64 9.82 -6.09
C ALA A 142 11.56 9.82 -7.16
N VAL A 143 10.29 9.91 -6.74
CA VAL A 143 9.19 10.00 -7.69
C VAL A 143 9.27 11.29 -8.48
N ALA A 144 9.46 12.42 -7.77
CA ALA A 144 9.51 13.71 -8.46
C ALA A 144 10.60 13.73 -9.51
N THR A 145 11.72 13.04 -9.26
CA THR A 145 12.83 13.01 -10.19
C THR A 145 12.44 12.44 -11.54
N VAL A 146 11.50 11.50 -11.59
CA VAL A 146 11.13 10.86 -12.84
C VAL A 146 9.82 11.35 -13.40
N LEU A 147 9.18 12.34 -12.77
CA LEU A 147 7.92 12.87 -13.28
C LEU A 147 8.09 14.27 -13.84
N PRO A 148 7.60 14.54 -15.03
CA PRO A 148 7.64 15.90 -15.58
C PRO A 148 6.65 16.82 -14.87
N ALA A 149 6.87 18.12 -15.08
CA ALA A 149 6.04 19.15 -14.51
C ALA A 149 4.58 18.89 -14.84
N GLY A 150 3.71 19.07 -13.83
CA GLY A 150 2.29 18.87 -14.01
C GLY A 150 1.82 17.42 -13.95
N ALA A 151 2.71 16.44 -13.95
CA ALA A 151 2.31 15.05 -13.93
C ALA A 151 1.88 14.64 -12.53
N THR A 152 1.20 13.50 -12.43
CA THR A 152 0.57 13.11 -11.18
C THR A 152 1.16 11.83 -10.57
N PHE A 153 1.16 11.83 -9.24
CA PHE A 153 1.46 10.64 -8.44
C PHE A 153 0.24 10.44 -7.54
N VAL A 154 -0.39 9.26 -7.64
CA VAL A 154 -1.55 8.90 -6.80
C VAL A 154 -1.13 7.74 -5.90
N PHE A 155 -1.38 7.87 -4.61
CA PHE A 155 -1.10 6.78 -3.67
C PHE A 155 -2.17 6.81 -2.59
N ASP A 156 -2.35 5.69 -1.91
CA ASP A 156 -3.25 5.66 -0.77
C ASP A 156 -2.53 5.21 0.50
N ILE A 157 -3.02 5.71 1.63
CA ILE A 157 -2.54 5.27 2.94
C ILE A 157 -3.73 5.08 3.87
N GLU A 158 -3.56 4.16 4.80
CA GLU A 158 -4.50 4.03 5.89
C GLU A 158 -4.42 5.28 6.73
N THR A 159 -5.59 5.83 7.08
N THR A 159 -5.57 5.74 7.23
CA THR A 159 -5.63 7.13 7.71
CA THR A 159 -5.56 6.96 8.02
C THR A 159 -5.00 7.06 9.09
C THR A 159 -5.28 6.67 9.50
N ALA A 160 -4.33 8.15 9.47
N ALA A 160 -5.05 7.76 10.24
CA ALA A 160 -3.45 8.13 10.63
CA ALA A 160 -4.86 7.65 11.69
C ALA A 160 -4.15 7.63 11.88
C ALA A 160 -6.12 7.17 12.38
N ALA A 161 -5.40 8.06 12.10
N ALA A 161 -7.30 7.45 11.81
CA ALA A 161 -6.13 7.69 13.31
CA ALA A 161 -8.53 6.89 12.34
C ALA A 161 -6.35 6.19 13.42
C ALA A 161 -8.56 5.38 12.24
N LEU A 162 -6.48 5.48 12.29
N LEU A 162 -7.73 4.79 11.36
CA LEU A 162 -6.76 4.05 12.34
CA LEU A 162 -7.61 3.35 11.24
C LEU A 162 -5.61 3.27 12.96
C LEU A 162 -6.51 2.76 12.13
N LEU A 163 -4.39 3.67 12.66
N LEU A 163 -5.41 3.49 12.37
CA LEU A 163 -3.21 3.06 13.25
CA LEU A 163 -4.16 2.89 12.81
C LEU A 163 -2.99 3.51 14.70
C LEU A 163 -3.71 3.21 14.24
N LYS A 164 -3.99 4.16 15.29
N LYS A 164 -4.25 4.24 14.88
CA LYS A 164 -3.93 4.62 16.68
CA LYS A 164 -3.62 4.74 16.09
C LYS A 164 -5.31 4.62 17.33
C LYS A 164 -4.60 4.76 17.26
N GLY A 165 -6.37 4.65 16.53
N GLY A 165 -4.04 4.83 18.47
CA GLY A 165 -7.71 4.76 17.08
CA GLY A 165 -4.86 4.90 19.68
C GLY A 165 -8.80 4.15 16.23
C GLY A 165 -5.55 3.61 20.05
N HIS A 166 -8.78 2.81 16.09
N HIS A 166 -6.87 3.55 19.85
CA HIS A 166 -9.79 2.01 15.42
CA HIS A 166 -7.68 2.38 20.16
C HIS A 166 -9.32 0.57 15.47
C HIS A 166 -7.90 1.48 18.95
N TRP A 167 -8.64 0.13 14.42
N TRP A 167 -8.17 2.07 17.79
CA TRP A 167 -7.72 -0.99 14.55
CA TRP A 167 -8.16 1.30 16.55
C TRP A 167 -6.87 -0.81 15.80
C TRP A 167 -6.83 0.61 16.34
N GLY A 168 -6.30 0.40 15.94
N GLY A 168 -5.74 1.24 16.79
CA GLY A 168 -5.53 0.88 17.08
CA GLY A 168 -4.45 0.61 16.73
C GLY A 168 -4.90 -0.17 17.96
C GLY A 168 -4.23 -0.44 17.80
N ASN A 169 -5.69 -0.68 18.89
N ASN A 169 -5.30 -0.82 18.54
CA ASN A 169 -5.26 -1.77 19.77
CA ASN A 169 -5.17 -1.76 19.66
C ASN A 169 -6.23 -2.93 19.74
C ASN A 169 -6.23 -2.86 19.73
N ARG A 170 -7.02 -3.08 18.69
CA ARG A 170 -8.05 -4.11 18.65
C ARG A 170 -7.55 -5.36 17.93
N VAL A 171 -8.42 -6.35 17.84
N VAL A 171 -8.44 -6.33 17.82
CA VAL A 171 -8.09 -7.62 17.22
CA VAL A 171 -8.11 -7.61 17.21
C VAL A 171 -9.19 -7.97 16.22
C VAL A 171 -9.20 -7.96 16.21
N TRP A 172 -8.78 -8.58 15.10
N TRP A 172 -8.80 -8.59 15.11
CA TRP A 172 -9.70 -9.14 14.11
CA TRP A 172 -9.72 -9.17 14.15
C TRP A 172 -9.21 -10.55 13.78
C TRP A 172 -9.22 -10.57 13.84
N ALA A 173 -10.15 -11.43 13.46
CA ALA A 173 -9.77 -12.80 13.13
C ALA A 173 -10.90 -13.45 12.34
N ALA A 174 -10.55 -14.56 11.68
CA ALA A 174 -11.54 -15.36 11.01
C ALA A 174 -11.05 -16.79 10.94
N ASP A 175 -11.97 -17.73 11.07
CA ASP A 175 -11.68 -19.15 10.89
C ASP A 175 -12.46 -19.61 9.67
N GLU A 176 -11.75 -19.88 8.57
CA GLU A 176 -12.38 -20.30 7.32
C GLU A 176 -12.19 -21.79 7.05
N GLY A 177 -11.75 -22.55 8.05
CA GLY A 177 -11.60 -23.99 7.92
C GLY A 177 -10.25 -24.36 7.36
N ASP A 178 -10.05 -24.08 6.08
CA ASP A 178 -8.76 -24.37 5.50
C ASP A 178 -7.68 -23.40 5.96
N LEU A 179 -8.06 -22.20 6.35
CA LEU A 179 -7.14 -21.18 6.84
C LEU A 179 -7.85 -20.41 7.94
N ALA A 180 -7.15 -20.16 9.04
CA ALA A 180 -7.64 -19.24 10.07
C ALA A 180 -6.55 -18.20 10.28
N PHE A 181 -6.95 -16.96 10.55
CA PHE A 181 -5.98 -15.88 10.66
C PHE A 181 -6.44 -14.88 11.71
N ILE A 182 -5.44 -14.23 12.31
CA ILE A 182 -5.64 -13.27 13.39
C ILE A 182 -4.76 -12.07 13.09
N TRP A 183 -5.33 -10.87 13.19
CA TRP A 183 -4.52 -9.64 13.19
C TRP A 183 -4.68 -9.02 14.58
N ASP A 184 -3.58 -8.93 15.31
N ASP A 184 -3.57 -8.90 15.30
CA ASP A 184 -3.55 -8.31 16.63
CA ASP A 184 -3.58 -8.30 16.62
C ASP A 184 -2.79 -7.00 16.51
C ASP A 184 -2.79 -7.00 16.55
N PHE A 185 -3.50 -5.88 16.67
CA PHE A 185 -2.93 -4.55 16.52
C PHE A 185 -2.52 -4.01 17.89
N THR A 186 -1.32 -3.45 17.97
CA THR A 186 -0.86 -2.79 19.20
C THR A 186 -0.18 -1.47 18.85
N SER A 187 -0.51 -0.43 19.61
CA SER A 187 0.06 0.89 19.37
C SER A 187 0.31 1.52 20.73
N GLU A 188 1.59 1.73 21.04
CA GLU A 188 2.01 2.28 22.31
C GLU A 188 1.61 3.75 22.39
N PRO A 189 1.60 4.33 23.60
CA PRO A 189 0.99 5.65 23.80
C PRO A 189 1.48 6.75 22.87
N ASP A 190 2.78 7.02 22.90
CA ASP A 190 3.34 8.19 22.25
C ASP A 190 4.18 7.84 21.02
N THR A 191 3.76 6.81 20.27
CA THR A 191 4.40 6.47 19.01
C THR A 191 3.50 6.87 17.85
N THR A 192 4.10 6.91 16.67
CA THR A 192 3.39 7.21 15.43
C THR A 192 3.12 5.95 14.62
N TYR A 193 3.22 4.77 15.23
CA TYR A 193 3.11 3.53 14.48
C TYR A 193 2.29 2.53 15.26
N CYS A 194 1.86 1.50 14.54
CA CYS A 194 1.09 0.40 15.08
C CYS A 194 1.78 -0.89 14.64
N ASP A 195 2.01 -1.81 15.58
CA ASP A 195 2.54 -3.12 15.23
C ASP A 195 1.38 -4.08 15.04
N VAL A 196 1.32 -4.71 13.87
CA VAL A 196 0.30 -5.71 13.59
C VAL A 196 0.97 -7.06 13.70
N HIS A 197 0.55 -7.84 14.70
CA HIS A 197 1.01 -9.22 14.82
C HIS A 197 0.00 -10.08 14.08
N TYR A 198 0.43 -10.63 12.95
CA TYR A 198 -0.41 -11.50 12.13
C TYR A 198 -0.03 -12.95 12.42
N THR A 199 -1.04 -13.77 12.65
CA THR A 199 -0.85 -15.20 12.84
C THR A 199 -1.82 -15.91 11.93
N GLN A 200 -1.36 -16.98 11.29
CA GLN A 200 -2.25 -17.79 10.50
C GLN A 200 -2.03 -19.27 10.79
N PHE A 201 -3.07 -20.07 10.56
CA PHE A 201 -3.02 -21.51 10.68
C PHE A 201 -3.59 -22.12 9.41
N THR A 202 -2.78 -22.91 8.70
CA THR A 202 -3.19 -23.51 7.44
C THR A 202 -3.44 -24.98 7.66
N ARG A 203 -4.64 -25.43 7.27
CA ARG A 203 -5.03 -26.83 7.47
C ARG A 203 -4.25 -27.73 6.53
N HIS A 204 -3.79 -28.87 7.05
CA HIS A 204 -3.06 -29.80 6.16
C HIS A 204 -4.00 -30.49 5.19
N GLU A 205 -5.12 -31.00 5.68
CA GLU A 205 -6.09 -31.66 4.82
C GLU A 205 -7.48 -31.48 5.38
N ALA A 206 -8.45 -31.36 4.48
CA ALA A 206 -9.85 -31.34 4.89
C ALA A 206 -10.18 -32.66 5.57
N GLY A 207 -10.92 -32.57 6.67
CA GLY A 207 -11.27 -33.77 7.42
C GLY A 207 -10.22 -34.22 8.39
N ALA A 208 -9.18 -33.43 8.62
CA ALA A 208 -8.21 -33.71 9.66
C ALA A 208 -7.93 -32.42 10.42
N ASP A 209 -7.40 -32.56 11.63
CA ASP A 209 -7.28 -31.43 12.54
C ASP A 209 -5.87 -30.85 12.63
N ALA A 210 -4.97 -31.24 11.74
CA ALA A 210 -3.61 -30.74 11.76
C ALA A 210 -3.50 -29.42 11.01
N TYR A 211 -2.77 -28.47 11.61
CA TYR A 211 -2.50 -27.16 11.02
C TYR A 211 -1.03 -26.79 11.19
N THR A 212 -0.58 -25.89 10.31
CA THR A 212 0.74 -25.29 10.45
C THR A 212 0.57 -23.81 10.75
N GLY A 213 1.26 -23.31 11.78
CA GLY A 213 1.18 -21.91 12.15
C GLY A 213 2.31 -21.08 11.57
N VAL A 214 1.97 -19.87 11.13
CA VAL A 214 2.96 -18.92 10.61
C VAL A 214 2.65 -17.55 11.20
N ARG A 215 3.68 -16.79 11.56
CA ARG A 215 3.52 -15.45 12.11
C ARG A 215 4.38 -14.46 11.36
N GLU A 216 3.86 -13.24 11.24
CA GLU A 216 4.59 -12.11 10.66
C GLU A 216 4.22 -10.87 11.44
N VAL A 217 5.17 -10.00 11.66
CA VAL A 217 4.92 -8.74 12.33
C VAL A 217 5.09 -7.61 11.32
N HIS A 218 4.11 -6.72 11.23
CA HIS A 218 4.14 -5.59 10.28
C HIS A 218 4.01 -4.31 11.07
N ARG A 219 5.04 -3.46 11.02
CA ARG A 219 4.94 -2.15 11.64
C ARG A 219 4.43 -1.14 10.61
N LEU A 220 3.32 -0.48 10.93
CA LEU A 220 2.65 0.45 10.02
C LEU A 220 2.72 1.85 10.62
N TYR A 221 3.18 2.80 9.82
CA TYR A 221 3.38 4.16 10.30
C TYR A 221 2.21 5.05 9.89
N ALA A 222 1.77 5.89 10.82
CA ALA A 222 0.75 6.88 10.53
C ALA A 222 1.39 8.20 10.08
N PHE A 223 0.85 8.79 9.02
CA PHE A 223 1.31 10.09 8.55
C PHE A 223 0.13 11.05 8.56
N ASP A 224 0.26 12.14 9.31
CA ASP A 224 -0.87 13.06 9.31
C ASP A 224 -0.80 13.97 8.10
N HIS A 225 -1.86 14.76 7.90
CA HIS A 225 -1.95 15.54 6.67
C HIS A 225 -0.84 16.57 6.59
N ASP A 226 -0.47 17.19 7.71
CA ASP A 226 0.58 18.20 7.67
C ASP A 226 1.91 17.60 7.25
N THR A 227 2.17 16.37 7.71
CA THR A 227 3.42 15.70 7.35
C THR A 227 3.44 15.33 5.87
N VAL A 228 2.35 14.72 5.38
CA VAL A 228 2.28 14.41 3.96
C VAL A 228 2.48 15.67 3.13
N ARG A 229 1.77 16.74 3.48
CA ARG A 229 1.86 17.97 2.68
C ARG A 229 3.25 18.57 2.74
N ALA A 230 3.89 18.56 3.91
CA ALA A 230 5.23 19.14 4.04
C ALA A 230 6.25 18.35 3.24
N GLN A 231 6.23 17.01 3.37
CA GLN A 231 7.21 16.23 2.64
C GLN A 231 6.97 16.28 1.14
N ALA A 232 5.68 16.34 0.75
CA ALA A 232 5.37 16.45 -0.68
C ALA A 232 5.88 17.77 -1.24
N ARG A 233 5.64 18.87 -0.52
N ARG A 233 5.63 18.87 -0.52
CA ARG A 233 6.10 20.19 -0.97
CA ARG A 233 6.09 20.16 -0.98
C ARG A 233 7.62 20.23 -1.12
C ARG A 233 7.62 20.19 -1.13
N ALA A 234 8.35 19.72 -0.12
CA ALA A 234 9.80 19.73 -0.18
C ALA A 234 10.31 18.87 -1.33
N ALA A 235 9.57 17.81 -1.68
CA ALA A 235 9.95 16.92 -2.77
C ALA A 235 9.58 17.45 -4.15
N GLY A 236 8.89 18.57 -4.26
CA GLY A 236 8.49 19.06 -5.57
C GLY A 236 7.04 18.82 -5.94
N PHE A 237 6.17 18.64 -4.95
CA PHE A 237 4.72 18.50 -5.15
C PHE A 237 4.02 19.48 -4.19
N ALA A 238 4.00 20.75 -4.54
CA ALA A 238 3.34 21.71 -3.68
C ALA A 238 1.83 21.50 -3.65
N GLN A 239 1.25 21.01 -4.74
CA GLN A 239 -0.18 20.73 -4.82
C GLN A 239 -0.46 19.27 -4.48
N ALA A 240 -1.24 19.06 -3.43
CA ALA A 240 -1.62 17.75 -2.93
C ALA A 240 -3.09 17.81 -2.55
N GLU A 241 -3.84 16.82 -2.99
CA GLU A 241 -5.26 16.74 -2.64
C GLU A 241 -5.57 15.35 -2.11
N VAL A 242 -6.63 15.24 -1.30
CA VAL A 242 -6.89 13.99 -0.59
C VAL A 242 -8.37 13.59 -0.68
N PHE A 243 -8.61 12.39 -1.21
CA PHE A 243 -9.93 11.86 -1.50
C PHE A 243 -10.24 10.62 -0.67
N ASP A 244 -11.51 10.27 -0.64
CA ASP A 244 -11.96 9.09 0.11
C ASP A 244 -11.90 7.87 -0.78
N ASN A 245 -10.85 7.05 -0.59
CA ASN A 245 -10.81 5.69 -1.10
C ASN A 245 -11.22 5.56 -2.57
N TYR A 246 -10.49 6.27 -3.44
CA TYR A 246 -10.63 6.09 -4.90
C TYR A 246 -12.05 6.41 -5.37
N THR A 247 -12.64 7.38 -4.72
CA THR A 247 -13.83 8.06 -5.23
C THR A 247 -13.51 9.54 -5.30
N GLU A 248 -14.36 10.27 -5.99
CA GLU A 248 -14.16 11.70 -6.14
C GLU A 248 -14.64 12.49 -4.93
N ARG A 249 -15.07 11.82 -3.88
N ARG A 249 -15.05 11.81 -3.88
CA ARG A 249 -15.49 12.49 -2.66
CA ARG A 249 -15.49 12.50 -2.67
C ARG A 249 -14.26 12.92 -1.86
C ARG A 249 -14.27 12.92 -1.86
N PRO A 250 -14.17 14.18 -1.43
CA PRO A 250 -13.06 14.58 -0.55
C PRO A 250 -13.04 13.75 0.73
N ALA A 251 -11.82 13.49 1.23
CA ALA A 251 -11.69 12.75 2.48
C ALA A 251 -12.45 13.45 3.61
N THR A 252 -13.05 12.63 4.48
CA THR A 252 -13.83 13.12 5.62
C THR A 252 -13.40 12.32 6.82
N ASP A 253 -14.11 12.49 7.93
CA ASP A 253 -13.74 11.82 9.17
C ASP A 253 -14.11 10.34 9.19
N THR A 254 -14.91 9.85 8.24
CA THR A 254 -15.16 8.41 8.14
C THR A 254 -14.23 7.70 7.15
N THR A 255 -13.37 8.46 6.45
CA THR A 255 -12.42 7.85 5.52
C THR A 255 -11.40 6.96 6.24
N ARG A 256 -11.28 5.72 5.76
N ARG A 256 -11.29 5.72 5.78
CA ARG A 256 -10.29 4.80 6.30
CA ARG A 256 -10.31 4.79 6.30
C ARG A 256 -9.06 4.69 5.43
C ARG A 256 -9.06 4.73 5.43
N TYR A 257 -9.23 4.83 4.11
CA TYR A 257 -8.14 4.78 3.16
C TYR A 257 -8.19 6.10 2.42
N GLU A 258 -7.15 6.91 2.60
N GLU A 258 -7.16 6.92 2.59
CA GLU A 258 -7.04 8.22 1.96
CA GLU A 258 -7.13 8.22 1.92
C GLU A 258 -6.30 8.06 0.64
C GLU A 258 -6.29 8.13 0.66
N THR A 259 -6.85 8.62 -0.44
CA THR A 259 -6.20 8.61 -1.75
C THR A 259 -5.62 10.00 -2.00
N TRP A 260 -4.29 10.11 -1.97
CA TRP A 260 -3.61 11.37 -2.22
C TRP A 260 -3.28 11.51 -3.70
N VAL A 261 -3.59 12.66 -4.27
CA VAL A 261 -3.26 12.97 -5.64
C VAL A 261 -2.28 14.14 -5.56
N LEU A 262 -1.04 13.88 -5.93
CA LEU A 262 0.03 14.87 -5.89
C LEU A 262 0.33 15.32 -7.30
N THR A 263 0.45 16.62 -7.49
CA THR A 263 0.78 17.16 -8.79
C THR A 263 2.19 17.74 -8.77
N ARG A 264 3.00 17.33 -9.74
CA ARG A 264 4.39 17.77 -9.81
C ARG A 264 4.40 19.27 -10.15
N ASP A 265 5.22 20.02 -9.43
CA ASP A 265 5.32 21.48 -9.63
C ASP A 265 5.52 21.83 -11.10
N GLU A 266 4.88 22.92 -11.52
CA GLU A 266 5.05 23.44 -12.88
C GLU A 266 5.27 24.94 -12.81
N ARG A 267 5.49 25.54 -13.98
CA ARG A 267 5.70 26.99 -14.08
C ARG A 267 4.76 27.60 -15.12
#